data_1ZTU
#
_entry.id   1ZTU
#
_cell.length_a   64.876
_cell.length_b   133.666
_cell.length_c   49.938
_cell.angle_alpha   90.00
_cell.angle_beta   90.00
_cell.angle_gamma   90.00
#
_symmetry.space_group_name_H-M   'P 21 21 2'
#
loop_
_entity.id
_entity.type
_entity.pdbx_description
1 polymer Bacteriophytochrome
2 non-polymer 'BILIVERDINE IX ALPHA'
3 water water
#
_entity_poly.entity_id   1
_entity_poly.type   'polypeptide(L)'
_entity_poly.pdbx_seq_one_letter_code
;(MSE)AS(MSE)TGGQQ(MSE)GRGS(MSE)SRDPLPFFPPLYLGGPEITTENCEREPIHIPGSIQPHGALLTADGHSGE
VLQMSLNAATFLGQEPTVLRGQTLAALLPEQWPALQAALPPGCPDALQYRATLDWPAAGHLSLTVHRVGELLILEFEPTE
AWDSTGPHALRNA(MSE)FALESAPNLRALAEVATQTVRELTGFDRV(MSE)LYKFAPDATGEVIAEARREGLHAFLGHR
FPASDIPAQARALYTRHLLRLTADTRAAAVPLDPVLNTQTNAPTPLGGAVLRATSP(MSE)H(MSE)QYLRN(MSE)GVG
SSLSVSVVVGGQLWGLIACHHQTPYVLPPDLRTTLEYLGRLLSLQVQVKEAHHHHHH
;
_entity_poly.pdbx_strand_id   A
#
# COMPACT_ATOMS: atom_id res chain seq x y z
N PRO A 19 16.69 8.46 3.23
CA PRO A 19 16.30 9.19 2.02
C PRO A 19 16.87 10.60 1.97
N LEU A 20 17.41 11.00 0.82
CA LEU A 20 17.84 12.38 0.55
C LEU A 20 16.65 13.35 0.67
N PRO A 21 16.90 14.64 1.03
CA PRO A 21 15.81 15.59 1.32
C PRO A 21 14.86 15.76 0.14
N PHE A 22 13.57 15.53 0.35
CA PHE A 22 12.63 15.44 -0.77
C PHE A 22 12.37 16.78 -1.47
N PHE A 23 12.23 16.72 -2.80
CA PHE A 23 11.76 17.84 -3.62
C PHE A 23 10.33 18.20 -3.23
N PRO A 24 9.92 19.46 -3.41
CA PRO A 24 8.50 19.76 -3.24
C PRO A 24 7.67 19.02 -4.29
N PRO A 25 6.39 18.75 -3.99
CA PRO A 25 5.58 18.03 -4.97
C PRO A 25 5.24 18.90 -6.20
N LEU A 26 4.78 18.30 -7.30
CA LEU A 26 4.57 19.06 -8.54
C LEU A 26 3.61 20.23 -8.35
N TYR A 27 2.59 20.04 -7.51
CA TYR A 27 1.57 21.04 -7.29
C TYR A 27 2.07 22.17 -6.39
N LEU A 28 3.30 22.04 -5.88
CA LEU A 28 3.95 23.13 -5.16
C LEU A 28 5.18 23.64 -5.93
N GLY A 29 5.17 23.39 -7.24
CA GLY A 29 6.14 23.94 -8.16
C GLY A 29 7.48 23.23 -8.16
N GLY A 30 7.49 21.99 -7.65
CA GLY A 30 8.71 21.20 -7.55
C GLY A 30 9.22 20.68 -8.88
N PRO A 31 10.48 20.21 -8.92
CA PRO A 31 11.11 19.72 -10.14
C PRO A 31 10.40 18.54 -10.75
N GLU A 32 10.53 18.39 -12.06
CA GLU A 32 10.07 17.20 -12.75
C GLU A 32 10.99 16.05 -12.39
N ILE A 33 10.41 14.86 -12.26
CA ILE A 33 11.18 13.69 -11.92
C ILE A 33 11.89 13.13 -13.16
N THR A 34 13.18 12.89 -13.01
CA THR A 34 14.02 12.31 -14.06
C THR A 34 14.80 11.17 -13.42
N THR A 35 15.52 10.41 -14.22
CA THR A 35 16.35 9.34 -13.68
C THR A 35 17.54 9.84 -12.85
N GLU A 36 17.86 11.13 -12.97
CA GLU A 36 18.93 11.75 -12.17
C GLU A 36 18.52 12.18 -10.74
N ASN A 37 17.24 12.49 -10.52
CA ASN A 37 16.78 13.03 -9.23
C ASN A 37 15.83 12.13 -8.39
N CYS A 38 15.37 11.03 -8.99
CA CYS A 38 14.76 9.87 -8.30
C CYS A 38 14.40 9.80 -6.83
N GLU A 39 15.43 9.74 -6.00
CA GLU A 39 15.34 9.51 -4.57
C GLU A 39 14.59 10.64 -3.88
N ARG A 40 14.52 11.81 -4.51
CA ARG A 40 13.85 12.95 -3.90
C ARG A 40 12.44 13.27 -4.40
N GLU A 41 11.85 12.39 -5.21
CA GLU A 41 10.40 12.50 -5.46
C GLU A 41 9.60 12.20 -4.19
N PRO A 42 8.76 13.16 -3.76
CA PRO A 42 7.96 13.01 -2.53
C PRO A 42 6.73 12.11 -2.73
N ILE A 43 6.96 10.81 -2.85
CA ILE A 43 5.90 9.84 -3.17
C ILE A 43 4.76 9.77 -2.16
N HIS A 44 5.02 10.22 -0.94
CA HIS A 44 4.09 10.11 0.17
C HIS A 44 3.05 11.23 0.17
N ILE A 45 3.22 12.21 -0.72
CA ILE A 45 2.34 13.39 -0.76
C ILE A 45 1.89 13.80 -2.18
N PRO A 46 1.38 12.84 -2.97
CA PRO A 46 1.00 13.13 -4.36
C PRO A 46 -0.27 13.98 -4.50
N GLY A 47 -0.94 14.26 -3.38
CA GLY A 47 -2.16 15.07 -3.37
C GLY A 47 -3.30 14.44 -4.15
N SER A 48 -3.23 13.12 -4.35
CA SER A 48 -4.21 12.42 -5.17
C SER A 48 -4.25 10.93 -4.83
N ILE A 49 -5.30 10.27 -5.29
CA ILE A 49 -5.50 8.85 -5.02
C ILE A 49 -5.80 8.09 -6.31
N GLN A 50 -5.83 6.77 -6.22
CA GLN A 50 -6.16 5.90 -7.36
C GLN A 50 -7.68 5.81 -7.46
N PRO A 51 -8.21 5.80 -8.70
CA PRO A 51 -9.66 5.96 -8.93
C PRO A 51 -10.60 4.87 -8.41
N HIS A 52 -10.09 3.69 -8.06
CA HIS A 52 -10.95 2.60 -7.60
C HIS A 52 -11.49 2.77 -6.17
N GLY A 53 -11.18 3.90 -5.53
CA GLY A 53 -11.72 4.24 -4.22
C GLY A 53 -11.85 5.74 -3.99
N ALA A 54 -12.46 6.11 -2.87
CA ALA A 54 -12.60 7.52 -2.48
C ALA A 54 -11.93 7.81 -1.15
N LEU A 55 -11.49 9.05 -0.95
CA LEU A 55 -10.75 9.41 0.27
C LEU A 55 -11.19 10.73 0.91
N LEU A 56 -11.64 10.65 2.16
CA LEU A 56 -11.91 11.83 2.98
C LEU A 56 -10.78 12.01 3.99
N THR A 57 -10.52 13.24 4.40
CA THR A 57 -9.71 13.50 5.58
C THR A 57 -10.55 14.30 6.55
N ALA A 58 -10.46 13.99 7.83
CA ALA A 58 -11.26 14.69 8.85
C ALA A 58 -10.41 15.08 10.04
N ASP A 59 -10.85 16.10 10.78
CA ASP A 59 -10.16 16.55 11.99
C ASP A 59 -10.26 15.49 13.08
N GLY A 60 -9.13 15.18 13.72
CA GLY A 60 -9.05 14.10 14.71
C GLY A 60 -9.77 14.36 16.02
N HIS A 61 -10.24 15.58 16.20
CA HIS A 61 -10.91 15.99 17.43
C HIS A 61 -12.38 16.28 17.13
N SER A 62 -12.64 17.21 16.20
CA SER A 62 -14.01 17.62 15.86
C SER A 62 -14.76 16.64 14.95
N GLY A 63 -14.04 15.98 14.05
CA GLY A 63 -14.66 15.04 13.12
C GLY A 63 -15.10 15.66 11.81
N GLU A 64 -14.90 16.98 11.69
CA GLU A 64 -15.25 17.71 10.48
C GLU A 64 -14.38 17.25 9.32
N VAL A 65 -15.04 16.92 8.20
CA VAL A 65 -14.34 16.51 6.99
C VAL A 65 -13.67 17.73 6.32
N LEU A 66 -12.38 17.59 6.03
CA LEU A 66 -11.59 18.72 5.53
C LEU A 66 -11.27 18.58 4.05
N GLN A 67 -10.58 17.52 3.67
CA GLN A 67 -10.29 17.23 2.27
C GLN A 67 -11.10 16.05 1.76
N MET A 68 -11.28 15.98 0.46
CA MET A 68 -12.15 14.99 -0.13
C MET A 68 -11.73 14.79 -1.57
N SER A 69 -11.37 13.57 -1.93
CA SER A 69 -11.01 13.26 -3.32
C SER A 69 -12.24 13.58 -4.18
N LEU A 70 -12.03 14.29 -5.29
CA LEU A 70 -13.17 14.80 -6.05
C LEU A 70 -13.97 13.77 -6.86
N ASN A 71 -13.60 12.50 -6.71
CA ASN A 71 -14.42 11.40 -7.22
C ASN A 71 -15.32 10.81 -6.12
N ALA A 72 -15.31 11.42 -4.93
CA ALA A 72 -16.08 10.95 -3.78
C ALA A 72 -17.58 10.79 -4.02
N ALA A 73 -18.12 11.62 -4.92
CA ALA A 73 -19.51 11.52 -5.38
C ALA A 73 -19.87 10.09 -5.81
N THR A 74 -19.05 9.52 -6.69
CA THR A 74 -19.23 8.16 -7.24
C THR A 74 -19.37 7.07 -6.17
N PHE A 75 -18.75 7.29 -5.01
CA PHE A 75 -18.69 6.26 -3.97
C PHE A 75 -19.54 6.55 -2.72
N LEU A 76 -20.07 7.76 -2.60
CA LEU A 76 -20.78 8.17 -1.37
C LEU A 76 -22.20 8.73 -1.55
N GLY A 77 -22.67 8.82 -2.78
CA GLY A 77 -24.04 9.26 -3.05
C GLY A 77 -24.15 10.77 -3.15
N GLN A 78 -23.95 11.47 -2.03
CA GLN A 78 -23.91 12.93 -2.05
C GLN A 78 -22.50 13.42 -2.40
N GLU A 79 -22.42 14.64 -2.94
CA GLU A 79 -21.19 15.15 -3.56
C GLU A 79 -20.48 16.25 -2.75
N PRO A 80 -19.16 16.45 -3.00
CA PRO A 80 -18.38 17.61 -2.51
C PRO A 80 -19.11 18.97 -2.42
N THR A 81 -20.18 19.17 -3.21
CA THR A 81 -21.01 20.37 -3.10
C THR A 81 -21.71 20.44 -1.72
N VAL A 82 -22.12 19.29 -1.20
CA VAL A 82 -22.88 19.23 0.06
C VAL A 82 -22.30 18.17 1.03
N LEU A 83 -20.97 18.12 1.13
CA LEU A 83 -20.32 17.10 1.94
C LEU A 83 -19.21 17.57 2.89
N ARG A 84 -18.37 18.50 2.43
CA ARG A 84 -17.21 18.92 3.24
C ARG A 84 -17.55 19.81 4.46
N GLY A 85 -18.83 20.12 4.62
CA GLY A 85 -19.29 20.77 5.83
C GLY A 85 -19.29 19.78 6.98
N GLN A 86 -20.43 19.10 7.14
CA GLN A 86 -20.75 18.29 8.34
C GLN A 86 -19.74 17.19 8.72
N THR A 87 -19.89 16.73 9.96
CA THR A 87 -18.90 15.93 10.68
C THR A 87 -19.01 14.43 10.39
N LEU A 88 -18.04 13.69 10.91
CA LEU A 88 -18.05 12.23 10.86
C LEU A 88 -19.10 11.63 11.80
N ALA A 89 -19.47 12.39 12.84
CA ALA A 89 -20.52 11.98 13.77
C ALA A 89 -21.87 11.90 13.06
N ALA A 90 -22.06 12.76 12.07
CA ALA A 90 -23.29 12.82 11.30
C ALA A 90 -23.32 11.87 10.10
N LEU A 91 -22.16 11.55 9.55
CA LEU A 91 -22.05 10.70 8.36
C LEU A 91 -21.84 9.23 8.66
N LEU A 92 -21.07 8.94 9.71
CA LEU A 92 -20.84 7.57 10.14
C LEU A 92 -21.19 7.45 11.61
N PRO A 93 -22.50 7.50 11.93
CA PRO A 93 -22.89 7.62 13.33
C PRO A 93 -22.58 6.38 14.15
N GLU A 94 -22.59 5.21 13.52
CA GLU A 94 -22.31 3.97 14.26
C GLU A 94 -20.84 3.58 14.24
N GLN A 95 -20.04 4.33 13.50
CA GLN A 95 -18.59 4.09 13.44
C GLN A 95 -17.80 5.10 14.28
N TRP A 96 -18.17 6.37 14.19
CA TRP A 96 -17.46 7.48 14.85
C TRP A 96 -16.96 7.20 16.27
N PRO A 97 -17.87 6.76 17.19
CA PRO A 97 -17.42 6.38 18.54
C PRO A 97 -16.30 5.32 18.58
N ALA A 98 -16.51 4.21 17.88
CA ALA A 98 -15.52 3.13 17.86
C ALA A 98 -14.22 3.55 17.17
N LEU A 99 -14.36 4.40 16.14
CA LEU A 99 -13.25 4.93 15.35
C LEU A 99 -12.30 5.77 16.20
N GLN A 100 -12.88 6.58 17.10
CA GLN A 100 -12.14 7.42 18.04
C GLN A 100 -11.36 6.61 19.07
N ALA A 101 -12.04 5.65 19.70
CA ALA A 101 -11.43 4.75 20.67
C ALA A 101 -10.29 3.93 20.06
N ALA A 102 -10.44 3.58 18.77
CA ALA A 102 -9.49 2.71 18.08
C ALA A 102 -8.22 3.45 17.69
N LEU A 103 -8.38 4.73 17.37
CA LEU A 103 -7.29 5.56 16.85
C LEU A 103 -7.06 6.81 17.71
N PRO A 104 -6.59 6.65 18.96
CA PRO A 104 -6.44 7.80 19.87
C PRO A 104 -5.30 8.70 19.41
N PRO A 105 -5.32 9.99 19.83
CA PRO A 105 -4.23 10.86 19.40
C PRO A 105 -2.88 10.35 19.91
N GLY A 106 -1.90 10.30 19.02
CA GLY A 106 -0.57 9.78 19.37
C GLY A 106 -0.35 8.34 18.94
N CYS A 107 -1.42 7.64 18.57
CA CYS A 107 -1.30 6.27 18.09
C CYS A 107 -0.43 6.20 16.84
N PRO A 108 0.28 5.07 16.65
CA PRO A 108 1.17 4.96 15.49
C PRO A 108 0.46 4.93 14.15
N ASP A 109 1.12 5.55 13.18
CA ASP A 109 0.76 5.69 11.77
C ASP A 109 0.05 4.52 11.08
N ALA A 110 0.53 3.29 11.34
CA ALA A 110 0.13 2.10 10.61
C ALA A 110 -1.06 1.38 11.23
N LEU A 111 -1.45 1.83 12.43
CA LEU A 111 -2.63 1.32 13.10
C LEU A 111 -3.81 1.81 12.31
N GLN A 112 -4.77 0.92 12.07
CA GLN A 112 -5.95 1.30 11.29
C GLN A 112 -7.26 0.73 11.80
N TYR A 113 -8.32 1.53 11.66
CA TYR A 113 -9.66 1.08 11.98
C TYR A 113 -10.36 0.57 10.72
N ARG A 114 -10.92 -0.63 10.81
CA ARG A 114 -11.65 -1.23 9.70
C ARG A 114 -13.10 -1.48 10.05
N ALA A 115 -13.97 -1.31 9.07
CA ALA A 115 -15.39 -1.53 9.21
C ALA A 115 -16.00 -1.68 7.83
N THR A 116 -16.75 -2.75 7.60
CA THR A 116 -17.51 -2.86 6.37
C THR A 116 -18.88 -2.23 6.63
N LEU A 117 -19.36 -1.45 5.67
CA LEU A 117 -20.66 -0.79 5.78
C LEU A 117 -21.25 -0.60 4.39
N ASP A 118 -22.57 -0.64 4.27
CA ASP A 118 -23.22 -0.48 2.97
C ASP A 118 -24.04 0.82 2.84
N TRP A 119 -23.55 1.75 2.03
CA TRP A 119 -24.41 2.83 1.52
C TRP A 119 -25.26 2.22 0.41
N PRO A 120 -26.48 2.76 0.17
CA PRO A 120 -27.28 2.13 -0.89
C PRO A 120 -26.88 2.61 -2.29
N GLY A 123 -24.26 -2.80 -2.89
CA GLY A 123 -23.82 -2.13 -1.66
C GLY A 123 -22.40 -2.50 -1.28
N HIS A 124 -22.18 -2.68 0.02
CA HIS A 124 -20.92 -3.17 0.60
C HIS A 124 -19.66 -2.37 0.26
N LEU A 125 -19.21 -1.58 1.24
CA LEU A 125 -18.09 -0.68 1.10
C LEU A 125 -17.11 -0.88 2.26
N SER A 126 -15.83 -1.02 1.96
CA SER A 126 -14.80 -1.23 2.97
C SER A 126 -14.27 0.12 3.46
N LEU A 127 -14.38 0.37 4.77
CA LEU A 127 -13.83 1.59 5.37
C LEU A 127 -12.52 1.27 6.07
N THR A 128 -11.49 2.04 5.72
CA THR A 128 -10.19 1.96 6.38
C THR A 128 -9.81 3.34 6.86
N VAL A 129 -9.55 3.47 8.16
CA VAL A 129 -9.24 4.75 8.75
C VAL A 129 -7.86 4.64 9.41
N HIS A 130 -7.05 5.68 9.29
CA HIS A 130 -5.84 5.77 10.09
C HIS A 130 -5.59 7.23 10.47
N ARG A 131 -4.75 7.47 11.47
CA ARG A 131 -4.45 8.85 11.83
C ARG A 131 -2.98 9.27 11.66
N VAL A 132 -2.79 10.44 11.07
CA VAL A 132 -1.49 11.08 11.00
C VAL A 132 -1.59 12.34 11.83
N GLY A 133 -0.79 12.40 12.90
CA GLY A 133 -0.83 13.54 13.82
C GLY A 133 -2.24 13.82 14.29
N GLU A 134 -2.86 14.81 13.66
CA GLU A 134 -4.20 15.25 14.06
C GLU A 134 -5.26 15.08 12.97
N LEU A 135 -4.85 14.45 11.88
CA LEU A 135 -5.72 14.16 10.74
C LEU A 135 -6.20 12.71 10.78
N LEU A 136 -7.49 12.49 10.54
CA LEU A 136 -7.98 11.15 10.26
C LEU A 136 -8.09 11.03 8.76
N ILE A 137 -7.63 9.90 8.22
CA ILE A 137 -7.67 9.64 6.79
C ILE A 137 -8.54 8.41 6.53
N LEU A 138 -9.59 8.58 5.73
CA LEU A 138 -10.61 7.56 5.50
C LEU A 138 -10.60 7.11 4.05
N GLU A 139 -10.40 5.81 3.83
CA GLU A 139 -10.44 5.23 2.50
C GLU A 139 -11.69 4.36 2.34
N PHE A 140 -12.35 4.50 1.20
CA PHE A 140 -13.56 3.76 0.88
C PHE A 140 -13.38 3.00 -0.42
N GLU A 141 -13.68 1.70 -0.41
CA GLU A 141 -13.72 0.93 -1.65
C GLU A 141 -14.71 -0.24 -1.57
N PRO A 142 -15.35 -0.57 -2.70
CA PRO A 142 -16.22 -1.75 -2.84
C PRO A 142 -15.58 -3.05 -2.36
N THR A 143 -16.40 -3.96 -1.83
CA THR A 143 -15.98 -5.28 -1.37
C THR A 143 -17.17 -6.24 -1.22
N GLU A 144 -16.89 -7.46 -0.74
CA GLU A 144 -17.92 -8.42 -0.33
C GLU A 144 -17.96 -8.57 1.20
N PRO A 151 -7.99 -17.22 2.00
CA PRO A 151 -8.35 -16.71 3.33
C PRO A 151 -8.15 -17.76 4.43
N HIS A 152 -8.55 -19.00 4.15
CA HIS A 152 -8.23 -20.17 4.99
C HIS A 152 -7.28 -21.08 4.21
N ALA A 153 -7.27 -20.94 2.88
CA ALA A 153 -6.31 -21.64 2.00
C ALA A 153 -4.86 -21.24 2.33
N LEU A 154 -4.74 -20.32 3.29
CA LEU A 154 -3.48 -19.90 3.89
C LEU A 154 -3.07 -20.87 5.01
N ARG A 155 -3.95 -21.04 6.00
CA ARG A 155 -3.73 -21.93 7.15
C ARG A 155 -3.38 -23.39 6.76
N ASN A 156 -3.68 -23.79 5.53
CA ASN A 156 -3.28 -25.10 5.01
C ASN A 156 -1.81 -25.12 4.58
N ALA A 157 -1.47 -24.29 3.59
CA ALA A 157 -0.09 -24.13 3.12
C ALA A 157 0.78 -23.42 4.17
N PHE A 159 2.06 -24.93 7.09
CA PHE A 159 3.19 -25.74 7.53
C PHE A 159 4.14 -26.10 6.39
N ALA A 160 3.72 -25.88 5.14
CA ALA A 160 4.64 -25.95 4.00
C ALA A 160 5.75 -24.91 4.18
N LEU A 161 5.36 -23.72 4.67
CA LEU A 161 6.31 -22.68 5.07
C LEU A 161 7.16 -23.12 6.26
N GLU A 162 6.53 -23.81 7.20
CA GLU A 162 7.16 -24.24 8.44
C GLU A 162 8.18 -25.35 8.19
N SER A 163 7.82 -26.29 7.32
CA SER A 163 8.64 -27.47 7.04
C SER A 163 9.60 -27.31 5.85
N ALA A 164 9.77 -26.09 5.37
CA ALA A 164 10.72 -25.82 4.28
C ALA A 164 12.15 -25.97 4.80
N PRO A 165 12.96 -26.82 4.14
CA PRO A 165 14.35 -27.13 4.50
C PRO A 165 15.28 -25.92 4.69
N ASN A 166 15.19 -24.93 3.80
CA ASN A 166 16.10 -23.80 3.80
C ASN A 166 15.44 -22.55 3.23
N LEU A 167 16.22 -21.49 3.04
CA LEU A 167 15.69 -20.21 2.56
C LEU A 167 15.13 -20.25 1.14
N ARG A 168 15.86 -20.86 0.20
CA ARG A 168 15.41 -20.99 -1.19
C ARG A 168 14.07 -21.72 -1.27
N ALA A 169 13.89 -22.76 -0.45
CA ALA A 169 12.66 -23.53 -0.40
C ALA A 169 11.52 -22.74 0.24
N LEU A 170 11.86 -21.96 1.28
CA LEU A 170 10.90 -21.05 1.92
C LEU A 170 10.44 -19.96 0.96
N ALA A 171 11.37 -19.47 0.14
CA ALA A 171 11.06 -18.46 -0.86
C ALA A 171 10.09 -18.95 -1.94
N GLU A 172 10.30 -20.16 -2.45
CA GLU A 172 9.45 -20.73 -3.50
C GLU A 172 8.06 -21.07 -2.97
N VAL A 173 7.98 -21.57 -1.75
CA VAL A 173 6.70 -21.84 -1.10
C VAL A 173 5.91 -20.54 -0.87
N ALA A 174 6.60 -19.52 -0.36
CA ALA A 174 5.99 -18.19 -0.18
C ALA A 174 5.35 -17.63 -1.46
N THR A 175 6.11 -17.64 -2.56
CA THR A 175 5.60 -17.07 -3.82
C THR A 175 4.52 -17.92 -4.49
N GLN A 176 4.66 -19.24 -4.43
CA GLN A 176 3.62 -20.15 -4.92
C GLN A 176 2.32 -19.97 -4.13
N THR A 177 2.42 -19.84 -2.81
CA THR A 177 1.28 -19.61 -1.91
C THR A 177 0.55 -18.30 -2.23
N VAL A 178 1.31 -17.20 -2.32
CA VAL A 178 0.71 -15.91 -2.67
C VAL A 178 -0.04 -16.01 -3.99
N ARG A 179 0.62 -16.55 -5.01
CA ARG A 179 0.00 -16.77 -6.30
C ARG A 179 -1.33 -17.57 -6.27
N GLU A 180 -1.44 -18.55 -5.37
CA GLU A 180 -2.70 -19.32 -5.21
C GLU A 180 -3.83 -18.52 -4.55
N LEU A 181 -3.47 -17.66 -3.59
CA LEU A 181 -4.44 -16.77 -2.93
C LEU A 181 -4.93 -15.67 -3.87
N THR A 182 -3.96 -14.99 -4.50
CA THR A 182 -4.22 -13.79 -5.30
C THR A 182 -4.62 -14.06 -6.75
N GLY A 183 -4.10 -15.12 -7.34
CA GLY A 183 -4.35 -15.42 -8.74
C GLY A 183 -3.55 -14.57 -9.69
N PHE A 184 -2.61 -13.77 -9.14
CA PHE A 184 -1.68 -12.95 -9.91
C PHE A 184 -0.86 -13.76 -10.93
N ASP A 185 -0.52 -13.13 -12.06
CA ASP A 185 0.26 -13.77 -13.12
C ASP A 185 1.72 -14.04 -12.74
N ARG A 186 2.29 -13.18 -11.90
CA ARG A 186 3.68 -13.29 -11.50
C ARG A 186 3.82 -12.83 -10.06
N VAL A 187 4.35 -13.72 -9.21
CA VAL A 187 4.69 -13.36 -7.86
C VAL A 187 6.15 -13.70 -7.67
N LEU A 189 9.79 -13.15 -5.03
CA LEU A 189 10.37 -12.69 -3.77
C LEU A 189 11.69 -12.00 -4.09
N TYR A 190 11.68 -10.68 -3.90
CA TYR A 190 12.79 -9.80 -4.22
C TYR A 190 13.59 -9.58 -2.94
N LYS A 191 14.90 -9.82 -2.98
CA LYS A 191 15.73 -9.72 -1.77
C LYS A 191 16.88 -8.71 -1.90
N PHE A 192 16.99 -7.83 -0.90
CA PHE A 192 17.92 -6.73 -0.94
C PHE A 192 19.28 -7.16 -0.43
N ALA A 193 20.33 -6.82 -1.17
CA ALA A 193 21.70 -7.05 -0.73
C ALA A 193 22.10 -5.91 0.21
N PRO A 194 23.24 -6.08 0.94
CA PRO A 194 23.66 -5.02 1.87
C PRO A 194 23.78 -3.66 1.17
N ASP A 195 24.18 -3.67 -0.09
CA ASP A 195 24.39 -2.44 -0.88
C ASP A 195 23.12 -1.90 -1.56
N ALA A 196 21.98 -2.54 -1.29
CA ALA A 196 20.63 -2.10 -1.72
C ALA A 196 20.11 -2.57 -3.08
N THR A 197 20.99 -3.22 -3.86
CA THR A 197 20.63 -3.88 -5.11
C THR A 197 19.82 -5.12 -4.77
N GLY A 198 18.74 -5.38 -5.54
CA GLY A 198 17.91 -6.58 -5.33
C GLY A 198 18.16 -7.77 -6.25
N GLU A 199 17.65 -8.93 -5.87
CA GLU A 199 17.68 -10.14 -6.68
C GLU A 199 16.33 -10.88 -6.56
N VAL A 200 15.83 -11.38 -7.69
CA VAL A 200 14.63 -12.21 -7.66
C VAL A 200 15.06 -13.62 -7.27
N ILE A 201 14.83 -13.99 -6.02
CA ILE A 201 15.33 -15.26 -5.50
C ILE A 201 14.31 -16.40 -5.58
N ALA A 202 13.06 -16.03 -5.86
CA ALA A 202 11.99 -16.98 -6.18
C ALA A 202 10.94 -16.31 -7.08
N GLU A 203 10.34 -17.10 -7.94
CA GLU A 203 9.38 -16.62 -8.92
C GLU A 203 8.35 -17.71 -9.11
N ALA A 204 7.09 -17.35 -8.98
CA ALA A 204 5.98 -18.20 -9.38
C ALA A 204 5.25 -17.42 -10.45
N ARG A 205 4.98 -18.06 -11.59
CA ARG A 205 4.44 -17.32 -12.73
C ARG A 205 3.57 -18.13 -13.66
N ARG A 206 2.61 -17.45 -14.27
CA ARG A 206 1.89 -17.96 -15.42
C ARG A 206 2.89 -18.56 -16.41
N GLU A 207 2.51 -19.65 -17.07
CA GLU A 207 3.41 -20.31 -18.00
C GLU A 207 3.63 -19.48 -19.29
N GLY A 208 4.85 -19.50 -19.81
CA GLY A 208 5.17 -18.87 -21.09
C GLY A 208 5.94 -17.56 -20.99
N LEU A 209 6.16 -17.07 -19.78
CA LEU A 209 6.84 -15.80 -19.54
C LEU A 209 8.34 -16.00 -19.35
N HIS A 210 9.15 -15.07 -19.85
CA HIS A 210 10.60 -15.13 -19.68
C HIS A 210 10.95 -14.84 -18.22
N ALA A 211 11.78 -15.70 -17.63
CA ALA A 211 12.05 -15.65 -16.19
C ALA A 211 12.82 -14.42 -15.73
N PHE A 212 12.45 -13.91 -14.56
CA PHE A 212 13.24 -12.92 -13.83
C PHE A 212 14.12 -13.62 -12.79
N LEU A 213 13.73 -14.85 -12.41
CA LEU A 213 14.43 -15.64 -11.42
C LEU A 213 15.95 -15.57 -11.63
N GLY A 214 16.65 -15.10 -10.59
CA GLY A 214 18.10 -15.01 -10.62
C GLY A 214 18.67 -13.72 -11.18
N HIS A 215 17.81 -12.87 -11.74
CA HIS A 215 18.24 -11.58 -12.27
C HIS A 215 18.36 -10.53 -11.19
N ARG A 216 19.32 -9.63 -11.37
CA ARG A 216 19.66 -8.65 -10.36
C ARG A 216 19.44 -7.24 -10.90
N PHE A 217 19.02 -6.34 -10.01
CA PHE A 217 18.60 -4.99 -10.38
C PHE A 217 19.27 -3.91 -9.53
N PRO A 218 19.52 -2.71 -10.12
CA PRO A 218 20.15 -1.62 -9.35
C PRO A 218 19.30 -1.08 -8.18
N ALA A 219 19.96 -0.63 -7.12
CA ALA A 219 19.34 -0.06 -5.93
C ALA A 219 18.32 1.02 -6.26
N SER A 220 18.59 1.79 -7.31
CA SER A 220 17.75 2.92 -7.70
C SER A 220 16.37 2.51 -8.24
N ASP A 221 16.16 1.23 -8.53
CA ASP A 221 14.89 0.75 -9.06
C ASP A 221 13.78 0.80 -8.03
N ILE A 222 14.16 0.64 -6.76
CA ILE A 222 13.29 0.95 -5.60
C ILE A 222 14.15 1.90 -4.78
N PRO A 223 13.93 3.23 -4.95
CA PRO A 223 14.88 4.18 -4.38
C PRO A 223 14.73 4.39 -2.86
N ALA A 224 15.71 5.04 -2.25
CA ALA A 224 15.82 5.15 -0.78
C ALA A 224 14.55 5.61 -0.08
N GLN A 225 13.92 6.65 -0.61
CA GLN A 225 12.68 7.16 -0.01
C GLN A 225 11.57 6.12 -0.04
N ALA A 226 11.53 5.33 -1.12
CA ALA A 226 10.53 4.28 -1.25
C ALA A 226 10.80 3.13 -0.29
N ARG A 227 12.06 2.68 -0.22
CA ARG A 227 12.43 1.63 0.70
C ARG A 227 12.03 2.04 2.12
N ALA A 228 12.18 3.33 2.40
CA ALA A 228 11.92 3.88 3.74
C ALA A 228 10.41 3.92 3.98
N LEU A 229 9.64 4.43 3.03
CA LEU A 229 8.20 4.39 3.16
C LEU A 229 7.80 2.92 3.37
N TYR A 230 8.62 2.01 2.84
CA TYR A 230 8.29 0.57 2.82
C TYR A 230 8.73 -0.18 4.07
N THR A 231 9.19 0.54 5.08
CA THR A 231 9.63 -0.13 6.27
C THR A 231 8.59 0.04 7.33
N ARG A 232 7.82 1.12 7.21
CA ARG A 232 6.72 1.38 8.09
C ARG A 232 5.35 1.40 7.41
N HIS A 233 5.25 1.04 6.13
CA HIS A 233 3.90 0.81 5.52
C HIS A 233 3.81 -0.43 4.63
N LEU A 234 3.71 -1.58 5.28
CA LEU A 234 4.09 -2.87 4.71
C LEU A 234 3.44 -3.33 3.37
N LEU A 235 2.34 -2.70 2.93
CA LEU A 235 1.71 -3.06 1.64
C LEU A 235 1.26 -1.83 0.80
N ARG A 236 1.47 -1.92 -0.52
CA ARG A 236 1.11 -0.86 -1.47
C ARG A 236 0.87 -1.44 -2.85
N LEU A 237 -0.03 -0.83 -3.61
CA LEU A 237 -0.41 -1.40 -4.87
C LEU A 237 -0.74 -0.38 -5.93
N THR A 238 -0.67 -0.78 -7.19
CA THR A 238 -1.27 -0.01 -8.28
C THR A 238 -2.33 -0.88 -8.94
N ALA A 239 -3.59 -0.55 -8.71
CA ALA A 239 -4.71 -1.37 -9.19
C ALA A 239 -4.74 -1.36 -10.70
N ASP A 240 -4.49 -0.19 -11.27
CA ASP A 240 -4.50 0.03 -12.73
C ASP A 240 -3.33 0.94 -13.16
N THR A 241 -2.47 0.43 -14.04
CA THR A 241 -1.26 1.17 -14.40
C THR A 241 -1.49 2.27 -15.43
N ARG A 242 -2.68 2.30 -16.01
CA ARG A 242 -3.06 3.35 -16.92
C ARG A 242 -4.33 4.07 -16.43
N ALA A 243 -4.33 4.36 -15.13
CA ALA A 243 -5.45 5.02 -14.47
C ALA A 243 -5.02 6.39 -13.95
N ALA A 244 -5.69 7.45 -14.40
CA ALA A 244 -5.41 8.80 -13.92
C ALA A 244 -5.65 8.92 -12.41
N ALA A 245 -4.71 9.54 -11.70
CA ALA A 245 -4.90 9.82 -10.28
C ALA A 245 -5.99 10.88 -10.13
N VAL A 246 -6.82 10.74 -9.10
CA VAL A 246 -7.83 11.78 -8.83
C VAL A 246 -7.42 12.65 -7.62
N PRO A 247 -7.35 13.97 -7.84
CA PRO A 247 -6.84 14.88 -6.80
C PRO A 247 -7.75 14.99 -5.56
N LEU A 248 -7.11 15.18 -4.40
CA LEU A 248 -7.79 15.66 -3.20
C LEU A 248 -8.13 17.12 -3.39
N ASP A 249 -9.30 17.52 -2.91
CA ASP A 249 -9.70 18.92 -2.90
C ASP A 249 -10.10 19.35 -1.48
N PRO A 250 -9.49 20.42 -0.96
CA PRO A 250 -8.32 21.09 -1.53
C PRO A 250 -7.09 20.17 -1.45
N VAL A 251 -6.08 20.44 -2.25
CA VAL A 251 -4.89 19.59 -2.33
C VAL A 251 -4.10 19.59 -1.03
N LEU A 252 -4.10 20.71 -0.33
CA LEU A 252 -3.43 20.83 0.96
C LEU A 252 -4.37 20.56 2.15
N ASN A 253 -3.81 19.97 3.20
CA ASN A 253 -4.52 19.79 4.46
C ASN A 253 -4.82 21.16 5.08
N THR A 254 -6.11 21.51 5.22
CA THR A 254 -6.52 22.81 5.77
C THR A 254 -6.13 23.00 7.23
N GLN A 255 -5.88 21.90 7.93
CA GLN A 255 -5.32 21.92 9.29
C GLN A 255 -3.97 22.62 9.38
N THR A 256 -3.26 22.69 8.26
CA THR A 256 -1.82 22.92 8.28
C THR A 256 -1.33 23.81 7.13
N ASN A 257 -2.12 23.85 6.05
CA ASN A 257 -1.77 24.49 4.77
C ASN A 257 -0.56 23.85 4.08
N ALA A 258 -0.26 22.61 4.45
CA ALA A 258 0.84 21.84 3.90
C ALA A 258 0.30 20.58 3.22
N PRO A 259 1.14 19.90 2.41
CA PRO A 259 0.71 18.63 1.83
C PRO A 259 0.25 17.59 2.88
N THR A 260 -0.65 16.71 2.46
CA THR A 260 -1.20 15.65 3.32
C THR A 260 -0.42 14.36 3.17
N PRO A 261 0.07 13.81 4.29
CA PRO A 261 0.77 12.51 4.20
C PRO A 261 -0.21 11.40 3.83
N LEU A 262 0.11 10.69 2.74
CA LEU A 262 -0.70 9.57 2.25
C LEU A 262 0.07 8.24 2.31
N GLY A 263 1.29 8.32 2.83
CA GLY A 263 2.15 7.16 3.01
C GLY A 263 1.45 5.90 3.48
N GLY A 264 0.57 6.01 4.48
CA GLY A 264 -0.26 4.89 4.95
C GLY A 264 -1.66 4.78 4.33
N ALA A 265 -1.89 5.38 3.17
CA ALA A 265 -3.22 5.22 2.52
C ALA A 265 -3.10 4.36 1.27
N VAL A 266 -3.54 3.11 1.37
CA VAL A 266 -3.39 2.20 0.24
C VAL A 266 -3.95 2.74 -1.08
N LEU A 267 -5.03 3.54 -1.04
CA LEU A 267 -5.54 4.26 -2.21
C LEU A 267 -4.61 5.36 -2.74
N ARG A 268 -3.44 5.58 -2.10
CA ARG A 268 -2.49 6.61 -2.50
C ARG A 268 -2.16 6.46 -3.98
N ALA A 269 -2.11 7.58 -4.72
CA ALA A 269 -1.61 7.59 -6.11
C ALA A 269 -0.12 7.19 -6.15
N THR A 270 0.28 6.33 -7.10
CA THR A 270 1.66 5.79 -7.18
C THR A 270 2.54 6.78 -7.91
N SER A 271 3.82 6.78 -7.63
CA SER A 271 4.76 7.55 -8.44
C SER A 271 4.49 7.30 -9.92
N PRO A 272 4.27 8.37 -10.72
CA PRO A 272 4.07 8.22 -12.16
C PRO A 272 5.27 7.61 -12.90
N HIS A 274 7.23 5.13 -11.54
CA HIS A 274 7.16 3.70 -11.33
C HIS A 274 6.08 3.07 -12.21
N GLN A 276 5.21 4.07 -15.19
CA GLN A 276 5.89 3.89 -16.48
C GLN A 276 6.70 2.60 -16.57
N TYR A 277 7.45 2.29 -15.51
CA TYR A 277 8.26 1.09 -15.49
C TYR A 277 7.36 -0.15 -15.50
N LEU A 278 6.23 -0.06 -14.80
CA LEU A 278 5.21 -1.13 -14.82
C LEU A 278 4.63 -1.32 -16.21
N ARG A 279 4.18 -0.23 -16.81
CA ARG A 279 3.64 -0.24 -18.16
C ARG A 279 4.61 -0.89 -19.15
N ASN A 280 5.89 -0.54 -19.05
CA ASN A 280 6.91 -1.08 -19.93
C ASN A 280 7.08 -2.60 -19.81
N GLY A 282 4.53 -4.48 -19.31
CA GLY A 282 3.20 -4.99 -19.67
C GLY A 282 2.32 -5.27 -18.47
N VAL A 283 2.67 -4.69 -17.33
CA VAL A 283 1.94 -4.94 -16.09
C VAL A 283 0.78 -3.98 -15.92
N GLY A 284 -0.45 -4.51 -15.90
CA GLY A 284 -1.66 -3.71 -15.65
C GLY A 284 -1.96 -3.45 -14.17
N SER A 285 -1.55 -4.38 -13.32
CA SER A 285 -1.81 -4.31 -11.89
C SER A 285 -0.57 -4.74 -11.07
N SER A 286 -0.20 -3.94 -10.08
CA SER A 286 0.96 -4.26 -9.25
C SER A 286 0.63 -4.21 -7.76
N LEU A 287 1.32 -5.05 -6.99
CA LEU A 287 1.12 -5.14 -5.54
C LEU A 287 2.38 -5.72 -4.93
N SER A 288 2.88 -5.08 -3.88
CA SER A 288 3.94 -5.70 -3.14
C SER A 288 3.70 -5.54 -1.65
N VAL A 289 4.34 -6.42 -0.88
CA VAL A 289 4.23 -6.47 0.56
C VAL A 289 5.64 -6.66 1.13
N SER A 290 5.90 -5.97 2.23
CA SER A 290 7.23 -5.82 2.76
C SER A 290 7.66 -6.99 3.62
N VAL A 291 8.91 -7.42 3.46
CA VAL A 291 9.46 -8.45 4.32
C VAL A 291 10.43 -7.74 5.24
N VAL A 292 10.00 -7.49 6.49
CA VAL A 292 10.84 -6.79 7.48
C VAL A 292 11.48 -7.76 8.48
N VAL A 293 12.80 -7.72 8.58
CA VAL A 293 13.50 -8.50 9.58
C VAL A 293 14.25 -7.54 10.50
N GLY A 294 13.90 -7.56 11.79
CA GLY A 294 14.46 -6.65 12.77
C GLY A 294 14.37 -5.17 12.43
N GLY A 295 13.20 -4.72 11.96
CA GLY A 295 12.97 -3.30 11.63
C GLY A 295 13.74 -2.78 10.41
N GLN A 296 14.36 -3.70 9.67
CA GLN A 296 15.25 -3.39 8.56
C GLN A 296 14.73 -4.15 7.36
N LEU A 297 14.45 -3.45 6.25
CA LEU A 297 13.64 -4.02 5.13
C LEU A 297 14.42 -5.13 4.41
N TRP A 298 13.95 -6.36 4.52
CA TRP A 298 14.69 -7.53 4.03
C TRP A 298 14.58 -7.74 2.53
N GLY A 299 13.37 -7.55 2.00
CA GLY A 299 13.04 -7.81 0.61
C GLY A 299 11.56 -7.53 0.45
N LEU A 300 11.00 -7.90 -0.71
CA LEU A 300 9.56 -7.77 -0.97
C LEU A 300 8.97 -9.03 -1.60
N ILE A 301 7.72 -9.34 -1.27
CA ILE A 301 6.89 -10.18 -2.13
C ILE A 301 6.35 -9.19 -3.14
N ALA A 302 6.74 -9.34 -4.40
CA ALA A 302 6.28 -8.42 -5.43
C ALA A 302 5.45 -9.17 -6.44
N CYS A 303 4.22 -8.69 -6.68
CA CYS A 303 3.25 -9.32 -7.58
C CYS A 303 2.94 -8.49 -8.82
N HIS A 304 2.86 -9.14 -9.98
CA HIS A 304 2.39 -8.50 -11.21
C HIS A 304 1.17 -9.20 -11.78
N HIS A 305 0.31 -8.44 -12.43
CA HIS A 305 -0.82 -9.02 -13.15
C HIS A 305 -0.97 -8.28 -14.46
N GLN A 306 -1.21 -9.03 -15.54
CA GLN A 306 -1.28 -8.48 -16.89
C GLN A 306 -2.43 -7.46 -17.09
N THR A 307 -3.49 -7.55 -16.29
CA THR A 307 -4.65 -6.66 -16.47
C THR A 307 -4.97 -5.87 -15.20
N PRO A 308 -5.61 -4.69 -15.34
CA PRO A 308 -6.02 -3.94 -14.15
C PRO A 308 -6.83 -4.83 -13.20
N TYR A 309 -6.52 -4.75 -11.91
CA TYR A 309 -7.12 -5.66 -10.92
C TYR A 309 -7.08 -5.10 -9.50
N VAL A 310 -8.22 -5.12 -8.81
CA VAL A 310 -8.34 -4.62 -7.43
C VAL A 310 -8.40 -5.81 -6.48
N LEU A 311 -7.27 -6.17 -5.91
CA LEU A 311 -7.18 -7.21 -4.90
C LEU A 311 -8.14 -6.79 -3.80
N PRO A 312 -9.10 -7.67 -3.44
CA PRO A 312 -10.11 -7.29 -2.44
C PRO A 312 -9.47 -7.08 -1.06
N PRO A 313 -10.05 -6.20 -0.22
CA PRO A 313 -9.45 -5.85 1.08
C PRO A 313 -9.19 -7.05 1.99
N ASP A 314 -10.05 -8.07 1.90
CA ASP A 314 -9.89 -9.31 2.65
C ASP A 314 -8.65 -10.10 2.28
N LEU A 315 -8.40 -10.25 0.97
CA LEU A 315 -7.16 -10.84 0.49
C LEU A 315 -5.94 -10.02 0.84
N ARG A 316 -6.05 -8.69 0.78
CA ARG A 316 -4.92 -7.85 1.19
C ARG A 316 -4.57 -8.09 2.64
N THR A 317 -5.59 -8.23 3.48
CA THR A 317 -5.39 -8.56 4.90
C THR A 317 -4.64 -9.89 5.07
N THR A 318 -5.06 -10.93 4.32
CA THR A 318 -4.37 -12.21 4.31
C THR A 318 -2.89 -12.07 3.91
N LEU A 319 -2.62 -11.21 2.92
CA LEU A 319 -1.24 -10.97 2.49
C LEU A 319 -0.42 -10.22 3.53
N GLU A 320 -1.02 -9.26 4.24
CA GLU A 320 -0.26 -8.52 5.27
C GLU A 320 0.18 -9.48 6.36
N TYR A 321 -0.78 -10.33 6.76
CA TYR A 321 -0.51 -11.40 7.70
C TYR A 321 0.60 -12.36 7.22
N LEU A 322 0.49 -12.80 5.98
CA LEU A 322 1.49 -13.68 5.38
C LEU A 322 2.85 -13.02 5.36
N GLY A 323 2.87 -11.71 5.13
CA GLY A 323 4.12 -10.95 5.09
C GLY A 323 4.83 -10.90 6.43
N ARG A 324 4.04 -10.93 7.51
CA ARG A 324 4.52 -10.86 8.89
C ARG A 324 5.09 -12.20 9.32
N LEU A 325 4.35 -13.26 8.96
CA LEU A 325 4.77 -14.63 9.21
C LEU A 325 5.99 -14.99 8.36
N LEU A 326 5.93 -14.72 7.06
CA LEU A 326 7.08 -14.93 6.20
C LEU A 326 8.29 -14.13 6.71
N SER A 327 8.04 -12.92 7.19
CA SER A 327 9.08 -12.08 7.80
C SER A 327 9.84 -12.77 8.94
N LEU A 328 9.11 -13.47 9.82
CA LEU A 328 9.67 -14.15 10.97
C LEU A 328 10.25 -15.50 10.60
N GLN A 329 9.62 -16.18 9.63
CA GLN A 329 10.16 -17.43 9.11
C GLN A 329 11.54 -17.20 8.46
N VAL A 330 11.67 -16.12 7.70
CA VAL A 330 12.94 -15.69 7.12
C VAL A 330 13.97 -15.42 8.21
N GLN A 331 13.57 -14.68 9.23
CA GLN A 331 14.47 -14.36 10.33
C GLN A 331 15.03 -15.59 11.05
N VAL A 332 14.21 -16.62 11.31
CA VAL A 332 14.71 -17.82 11.96
C VAL A 332 15.48 -18.75 11.01
N LYS A 333 15.05 -18.82 9.74
CA LYS A 333 15.66 -19.74 8.78
C LYS A 333 17.00 -19.24 8.24
N GLU A 334 17.06 -17.94 7.96
CA GLU A 334 18.28 -17.31 7.45
C GLU A 334 19.31 -17.15 8.56
N ALA A 335 18.90 -16.62 9.71
CA ALA A 335 19.80 -16.49 10.86
C ALA A 335 19.99 -17.84 11.57
N HIS A 336 19.90 -18.92 10.79
CA HIS A 336 20.30 -20.25 11.23
C HIS A 336 20.89 -21.02 10.05
N HIS A 337 21.17 -20.29 8.96
CA HIS A 337 22.09 -20.74 7.92
C HIS A 337 23.49 -20.77 8.55
N HIS A 338 23.58 -21.44 9.71
CA HIS A 338 24.78 -21.56 10.54
C HIS A 338 25.00 -23.00 11.00
N HIS A 339 23.99 -23.85 10.80
CA HIS A 339 24.04 -25.26 11.18
C HIS A 339 23.54 -26.14 10.02
#